data_1MKZ
#
_entry.id   1MKZ
#
_cell.length_a   69.169
_cell.length_b   69.169
_cell.length_c   126.184
_cell.angle_alpha   90.00
_cell.angle_beta   90.00
_cell.angle_gamma   120.00
#
_symmetry.space_group_name_H-M   'P 3 2 1'
#
loop_
_entity.id
_entity.type
_entity.pdbx_description
1 polymer 'Molybdenum cofactor biosynthesis protein B'
2 non-polymer 'SULFATE ION'
3 non-polymer 'ACETIC ACID'
4 water water
#
_entity_poly.entity_id   1
_entity_poly.type   'polypeptide(L)'
_entity_poly.pdbx_seq_one_letter_code
;(MSE)SQVSTEFIPTRIAILTVSNRRGEEDDTSGHYLRDSAQEAGHHVVDKAIVKENRYAIRAQVSAWIASDDVQVVLIT
GGTGLTEGDQAPEALLPLFDREVEGFGEVFR(MSE)LSFEEIGTSTLQSRAVAGVANKTLILA(MSE)PGSTKACRTAWE
NIIAPQLDARTRPCNFHPHLKKGS
;
_entity_poly.pdbx_strand_id   A,B
#
loop_
_chem_comp.id
_chem_comp.type
_chem_comp.name
_chem_comp.formula
ACY non-polymer 'ACETIC ACID' 'C2 H4 O2'
SO4 non-polymer 'SULFATE ION' 'O4 S -2'
#
# COMPACT_ATOMS: atom_id res chain seq x y z
N GLN A 3 -2.71 30.55 -2.82
CA GLN A 3 -3.19 30.37 -4.22
C GLN A 3 -2.03 30.44 -5.24
N VAL A 4 -1.62 31.65 -5.64
CA VAL A 4 -0.51 31.86 -6.59
C VAL A 4 0.64 32.71 -6.01
N SER A 5 1.80 32.06 -5.93
CA SER A 5 3.04 32.60 -5.38
C SER A 5 3.72 33.58 -6.34
N THR A 6 4.38 34.58 -5.77
CA THR A 6 5.23 35.41 -6.57
C THR A 6 6.54 34.68 -6.92
N GLU A 7 6.84 33.62 -6.21
CA GLU A 7 8.12 32.94 -6.35
C GLU A 7 8.01 31.45 -6.60
N PHE A 8 8.98 30.91 -7.32
CA PHE A 8 9.12 29.45 -7.43
C PHE A 8 9.51 28.86 -6.07
N ILE A 9 8.89 27.72 -5.78
CA ILE A 9 9.06 27.01 -4.54
C ILE A 9 9.38 25.58 -4.91
N PRO A 10 10.61 25.15 -4.69
CA PRO A 10 10.95 23.77 -4.98
C PRO A 10 10.00 22.78 -4.29
N THR A 11 9.63 21.74 -5.03
CA THR A 11 8.87 20.63 -4.44
C THR A 11 9.78 19.42 -4.27
N ARG A 12 9.40 18.51 -3.36
CA ARG A 12 10.14 17.29 -3.11
C ARG A 12 9.50 16.14 -3.85
N ILE A 13 10.25 15.56 -4.78
CA ILE A 13 9.74 14.60 -5.75
C ILE A 13 10.46 13.27 -5.58
N ALA A 14 9.72 12.16 -5.66
CA ALA A 14 10.25 10.81 -5.71
C ALA A 14 9.89 10.26 -7.10
N ILE A 15 10.83 9.53 -7.68
CA ILE A 15 10.63 8.99 -9.00
C ILE A 15 10.72 7.44 -8.98
N LEU A 16 9.71 6.80 -9.50
CA LEU A 16 9.63 5.35 -9.64
C LEU A 16 9.66 4.94 -11.11
N THR A 17 10.59 4.05 -11.48
CA THR A 17 10.52 3.41 -12.78
C THR A 17 9.95 2.02 -12.59
N VAL A 18 9.02 1.63 -13.45
CA VAL A 18 8.43 0.31 -13.39
C VAL A 18 8.92 -0.42 -14.63
N SER A 19 9.82 -1.38 -14.42
CA SER A 19 10.42 -2.12 -15.53
C SER A 19 10.91 -3.50 -15.06
N ASN A 20 10.59 -4.53 -15.85
CA ASN A 20 11.08 -5.88 -15.59
C ASN A 20 12.60 -6.05 -15.84
N ARG A 21 13.15 -5.23 -16.72
CA ARG A 21 14.51 -5.49 -17.25
C ARG A 21 15.52 -4.36 -17.05
N ARG A 22 15.03 -3.12 -17.03
CA ARG A 22 15.91 -1.96 -16.99
C ARG A 22 16.45 -1.84 -15.58
N GLY A 23 17.75 -1.59 -15.45
CA GLY A 23 18.29 -1.17 -14.18
C GLY A 23 18.68 0.29 -14.34
N GLU A 24 19.37 0.85 -13.37
CA GLU A 24 19.69 2.26 -13.46
C GLU A 24 20.46 2.60 -14.74
N GLU A 25 21.29 1.68 -15.21
CA GLU A 25 22.18 1.98 -16.35
C GLU A 25 21.39 2.45 -17.56
N ASP A 26 20.22 1.87 -17.82
CA ASP A 26 19.50 2.22 -19.05
C ASP A 26 18.12 2.68 -18.70
N ASP A 27 17.98 3.33 -17.57
CA ASP A 27 16.67 3.84 -17.20
C ASP A 27 16.46 5.22 -17.83
N THR A 28 16.25 5.24 -19.14
CA THR A 28 16.24 6.49 -19.85
C THR A 28 15.12 7.43 -19.36
N SER A 29 13.95 6.88 -19.10
CA SER A 29 12.85 7.76 -18.75
C SER A 29 12.99 8.24 -17.32
N GLY A 30 13.40 7.38 -16.41
CA GLY A 30 13.67 7.85 -15.07
C GLY A 30 14.75 8.92 -15.00
N HIS A 31 15.82 8.71 -15.76
CA HIS A 31 16.87 9.73 -15.85
C HIS A 31 16.34 11.06 -16.41
N TYR A 32 15.50 11.00 -17.44
CA TYR A 32 14.92 12.19 -18.04
C TYR A 32 14.13 12.94 -16.95
N LEU A 33 13.31 12.22 -16.20
CA LEU A 33 12.46 12.87 -15.23
C LEU A 33 13.31 13.49 -14.10
N ARG A 34 14.29 12.75 -13.64
CA ARG A 34 15.14 13.27 -12.57
C ARG A 34 15.89 14.51 -13.05
N ASP A 35 16.52 14.41 -14.21
CA ASP A 35 17.26 15.55 -14.76
C ASP A 35 16.35 16.75 -14.97
N SER A 36 15.15 16.52 -15.47
CA SER A 36 14.25 17.61 -15.80
C SER A 36 13.77 18.28 -14.50
N ALA A 37 13.47 17.48 -13.49
CA ALA A 37 13.01 17.98 -12.18
C ALA A 37 14.11 18.83 -11.50
N GLN A 38 15.32 18.29 -11.44
CA GLN A 38 16.46 19.02 -10.88
C GLN A 38 16.77 20.30 -11.69
N GLU A 39 16.77 20.21 -13.01
CA GLU A 39 17.03 21.39 -13.80
C GLU A 39 16.02 22.49 -13.49
N ALA A 40 14.75 22.13 -13.25
CA ALA A 40 13.68 23.10 -12.97
C ALA A 40 13.78 23.63 -11.55
N GLY A 41 14.64 23.05 -10.72
CA GLY A 41 14.85 23.55 -9.37
C GLY A 41 14.14 22.79 -8.27
N HIS A 42 13.47 21.68 -8.63
CA HIS A 42 12.88 20.80 -7.66
C HIS A 42 13.95 19.91 -7.04
N HIS A 43 13.55 19.21 -6.01
CA HIS A 43 14.43 18.37 -5.23
C HIS A 43 13.94 16.94 -5.41
N VAL A 44 14.77 16.09 -6.03
CA VAL A 44 14.44 14.68 -6.17
C VAL A 44 15.01 13.96 -4.95
N VAL A 45 14.12 13.64 -4.02
CA VAL A 45 14.46 13.16 -2.67
C VAL A 45 14.60 11.66 -2.62
N ASP A 46 14.04 10.97 -3.61
CA ASP A 46 14.20 9.53 -3.66
C ASP A 46 13.93 9.03 -5.06
N LYS A 47 14.43 7.85 -5.39
CA LYS A 47 14.28 7.26 -6.71
C LYS A 47 14.39 5.77 -6.50
N ALA A 48 13.56 4.98 -7.21
CA ALA A 48 13.62 3.52 -7.19
C ALA A 48 13.19 2.96 -8.53
N ILE A 49 13.61 1.73 -8.80
CA ILE A 49 13.15 0.96 -9.93
C ILE A 49 12.57 -0.34 -9.37
N VAL A 50 11.36 -0.71 -9.79
CA VAL A 50 10.73 -1.93 -9.37
C VAL A 50 10.25 -2.66 -10.59
N LYS A 51 9.99 -3.96 -10.42
CA LYS A 51 9.48 -4.80 -11.49
C LYS A 51 8.00 -4.52 -11.69
N GLU A 52 7.45 -5.13 -12.74
CA GLU A 52 6.04 -4.96 -13.11
C GLU A 52 5.21 -5.86 -12.21
N ASN A 53 5.12 -5.43 -10.98
CA ASN A 53 4.53 -6.21 -9.94
C ASN A 53 3.69 -5.24 -9.08
N ARG A 54 2.40 -5.53 -8.91
CA ARG A 54 1.60 -4.56 -8.19
C ARG A 54 2.01 -4.37 -6.72
N TYR A 55 2.52 -5.40 -6.10
CA TYR A 55 2.90 -5.31 -4.68
C TYR A 55 4.16 -4.50 -4.47
N ALA A 56 5.14 -4.69 -5.36
CA ALA A 56 6.33 -3.87 -5.31
C ALA A 56 5.99 -2.39 -5.46
N ILE A 57 5.13 -2.07 -6.41
CA ILE A 57 4.71 -0.70 -6.64
C ILE A 57 3.99 -0.18 -5.40
N ARG A 58 3.02 -0.93 -4.90
CA ARG A 58 2.30 -0.46 -3.71
C ARG A 58 3.18 -0.25 -2.51
N ALA A 59 4.20 -1.08 -2.33
CA ALA A 59 5.08 -0.97 -1.20
C ALA A 59 5.84 0.35 -1.28
N GLN A 60 6.46 0.61 -2.43
CA GLN A 60 7.31 1.81 -2.53
C GLN A 60 6.43 3.05 -2.49
N VAL A 61 5.31 3.09 -3.22
CA VAL A 61 4.48 4.29 -3.28
C VAL A 61 3.81 4.54 -1.92
N SER A 62 3.45 3.47 -1.21
CA SER A 62 2.80 3.62 0.10
C SER A 62 3.81 4.25 1.05
N ALA A 63 5.08 3.87 0.96
CA ALA A 63 6.12 4.45 1.83
C ALA A 63 6.21 5.95 1.57
N TRP A 64 6.23 6.36 0.31
CA TRP A 64 6.33 7.78 0.01
C TRP A 64 5.07 8.54 0.37
N ILE A 65 3.91 7.95 0.18
CA ILE A 65 2.63 8.56 0.59
C ILE A 65 2.65 8.90 2.13
N ALA A 66 3.09 7.94 2.92
CA ALA A 66 3.14 8.09 4.37
C ALA A 66 4.28 8.95 4.91
N SER A 67 5.30 9.17 4.08
CA SER A 67 6.48 9.95 4.50
C SER A 67 6.14 11.38 4.86
N ASP A 68 7.04 11.99 5.63
CA ASP A 68 6.90 13.40 5.94
C ASP A 68 7.30 14.31 4.80
N ASP A 69 8.23 13.85 3.97
CA ASP A 69 8.91 14.72 3.04
C ASP A 69 8.48 14.64 1.58
N VAL A 70 7.90 13.53 1.16
CA VAL A 70 7.64 13.38 -0.27
C VAL A 70 6.31 14.06 -0.62
N GLN A 71 6.36 15.01 -1.55
CA GLN A 71 5.17 15.74 -1.96
C GLN A 71 4.59 15.23 -3.26
N VAL A 72 5.43 14.72 -4.16
CA VAL A 72 5.03 14.31 -5.50
C VAL A 72 5.76 13.03 -5.83
N VAL A 73 5.00 12.06 -6.33
CA VAL A 73 5.55 10.84 -6.88
C VAL A 73 5.32 10.77 -8.40
N LEU A 74 6.40 10.62 -9.16
CA LEU A 74 6.34 10.39 -10.60
C LEU A 74 6.65 8.93 -10.83
N ILE A 75 5.77 8.29 -11.60
CA ILE A 75 5.97 6.91 -12.01
C ILE A 75 6.03 6.83 -13.52
N THR A 76 6.94 6.04 -14.05
CA THR A 76 6.98 5.81 -15.48
C THR A 76 7.02 4.34 -15.76
N GLY A 77 6.11 3.85 -16.60
CA GLY A 77 6.09 2.43 -16.92
C GLY A 77 4.85 1.76 -16.34
N GLY A 78 4.43 0.70 -17.03
CA GLY A 78 3.37 -0.14 -16.52
C GLY A 78 1.94 0.32 -16.70
N THR A 79 1.71 1.27 -17.61
CA THR A 79 0.35 1.75 -17.87
C THR A 79 -0.29 1.15 -19.14
N GLY A 80 0.39 0.20 -19.77
CA GLY A 80 -0.12 -0.44 -20.96
C GLY A 80 -1.26 -1.39 -20.75
N LEU A 81 -1.58 -2.17 -21.78
CA LEU A 81 -2.87 -2.86 -21.86
C LEU A 81 -2.76 -4.37 -21.74
N THR A 82 -1.57 -4.84 -21.42
CA THR A 82 -1.37 -6.27 -21.29
C THR A 82 -1.36 -6.68 -19.83
N GLU A 83 -1.34 -8.00 -19.64
CA GLU A 83 -1.33 -8.62 -18.32
C GLU A 83 -0.30 -8.05 -17.33
N GLY A 84 0.92 -7.78 -17.79
CA GLY A 84 2.05 -7.43 -16.94
C GLY A 84 2.10 -5.96 -16.53
N ASP A 85 1.29 -5.17 -17.21
CA ASP A 85 1.21 -3.72 -16.94
C ASP A 85 0.30 -3.50 -15.75
N GLN A 86 0.87 -3.14 -14.61
CA GLN A 86 0.08 -3.12 -13.37
C GLN A 86 0.06 -1.82 -12.62
N ALA A 87 0.58 -0.72 -13.19
CA ALA A 87 0.70 0.53 -12.43
C ALA A 87 -0.68 1.09 -12.08
N PRO A 88 -1.64 1.20 -12.99
CA PRO A 88 -2.98 1.67 -12.56
C PRO A 88 -3.64 0.74 -11.54
N GLU A 89 -3.58 -0.56 -11.74
CA GLU A 89 -4.16 -1.52 -10.82
C GLU A 89 -3.55 -1.33 -9.43
N ALA A 90 -2.24 -1.05 -9.40
CA ALA A 90 -1.55 -0.92 -8.13
C ALA A 90 -2.00 0.29 -7.43
N LEU A 91 -2.12 1.39 -8.17
CA LEU A 91 -2.14 2.72 -7.57
C LEU A 91 -3.55 3.20 -7.29
N LEU A 92 -4.50 2.92 -8.18
CA LEU A 92 -5.86 3.43 -7.99
C LEU A 92 -6.43 3.16 -6.58
N PRO A 93 -6.27 1.95 -6.02
CA PRO A 93 -6.77 1.67 -4.65
C PRO A 93 -6.11 2.52 -3.56
N LEU A 94 -4.97 3.13 -3.86
CA LEU A 94 -4.26 3.90 -2.84
C LEU A 94 -4.71 5.36 -2.84
N PHE A 95 -5.50 5.78 -3.81
CA PHE A 95 -5.81 7.20 -3.90
C PHE A 95 -6.92 7.64 -2.94
N ASP A 96 -6.76 8.82 -2.32
CA ASP A 96 -7.93 9.51 -1.73
C ASP A 96 -8.90 10.05 -2.77
N ARG A 97 -8.32 10.64 -3.81
CA ARG A 97 -9.06 11.19 -4.95
C ARG A 97 -8.26 10.93 -6.21
N GLU A 98 -8.97 10.75 -7.31
CA GLU A 98 -8.37 10.78 -8.65
C GLU A 98 -8.29 12.20 -9.22
N VAL A 99 -7.22 12.50 -9.97
CA VAL A 99 -7.03 13.80 -10.66
C VAL A 99 -7.32 13.48 -12.14
N GLU A 100 -8.58 13.42 -12.54
CA GLU A 100 -8.97 12.93 -13.88
C GLU A 100 -8.36 13.77 -14.99
N GLY A 101 -8.06 15.03 -14.69
CA GLY A 101 -7.54 15.93 -15.68
C GLY A 101 -6.20 15.52 -16.21
N PHE A 102 -5.42 14.78 -15.43
CA PHE A 102 -4.06 14.48 -15.86
C PHE A 102 -4.10 13.52 -17.04
N GLY A 103 -4.77 12.38 -16.88
CA GLY A 103 -4.91 11.40 -17.95
C GLY A 103 -5.56 12.01 -19.20
N GLU A 104 -6.59 12.83 -18.99
CA GLU A 104 -7.33 13.42 -20.11
C GLU A 104 -6.49 14.37 -20.91
N VAL A 105 -5.79 15.26 -20.23
CA VAL A 105 -4.97 16.25 -20.95
C VAL A 105 -3.78 15.49 -21.59
N PHE A 106 -3.21 14.56 -20.84
CA PHE A 106 -2.11 13.80 -21.38
C PHE A 106 -2.55 13.11 -22.65
N ARG A 107 -3.75 12.53 -22.66
CA ARG A 107 -4.24 11.79 -23.85
C ARG A 107 -4.50 12.76 -25.00
N MSE A 108 -4.99 13.95 -24.70
CA MSE A 108 -5.27 15.02 -25.69
C MSE A 108 -3.97 15.46 -26.33
O MSE A 108 -3.88 15.55 -27.53
CB MSE A 108 -5.96 16.23 -24.99
CG MSE A 108 -6.35 17.41 -25.80
SE MSE A 108 -7.37 18.77 -24.68
CE MSE A 108 -7.69 18.14 -23.33
N LEU A 109 -2.94 15.74 -25.55
CA LEU A 109 -1.66 16.17 -26.08
C LEU A 109 -0.96 15.01 -26.81
N SER A 110 -1.12 13.82 -26.29
CA SER A 110 -0.51 12.65 -26.93
C SER A 110 -1.17 12.35 -28.25
N PHE A 111 -2.47 12.55 -28.36
CA PHE A 111 -3.14 12.26 -29.63
C PHE A 111 -2.49 13.11 -30.72
N GLU A 112 -2.08 14.34 -30.37
CA GLU A 112 -1.48 15.23 -31.34
C GLU A 112 -0.11 14.77 -31.76
N GLU A 113 0.62 14.15 -30.84
CA GLU A 113 1.99 13.70 -31.10
C GLU A 113 2.12 12.30 -31.67
N ILE A 114 1.26 11.39 -31.24
CA ILE A 114 1.35 10.01 -31.71
C ILE A 114 0.02 9.48 -32.21
N GLY A 115 -1.03 10.29 -32.31
CA GLY A 115 -2.26 9.77 -32.88
C GLY A 115 -2.95 8.65 -32.09
N THR A 116 -3.50 7.63 -32.75
CA THR A 116 -4.33 6.63 -32.07
C THR A 116 -3.55 5.73 -31.15
N SER A 117 -2.22 5.72 -31.24
CA SER A 117 -1.41 4.97 -30.28
C SER A 117 -1.61 5.42 -28.84
N THR A 118 -2.21 6.57 -28.65
CA THR A 118 -2.57 7.06 -27.34
C THR A 118 -3.47 6.03 -26.60
N LEU A 119 -4.17 5.21 -27.36
CA LEU A 119 -5.06 4.18 -26.76
C LEU A 119 -4.29 3.13 -25.96
N GLN A 120 -2.99 3.00 -26.22
CA GLN A 120 -2.21 1.90 -25.65
C GLN A 120 -1.67 2.22 -24.26
N SER A 121 -1.95 3.43 -23.76
CA SER A 121 -1.56 3.78 -22.40
C SER A 121 -2.74 4.25 -21.53
N ARG A 122 -2.57 4.06 -20.22
CA ARG A 122 -3.65 4.36 -19.27
C ARG A 122 -3.06 5.27 -18.20
N ALA A 123 -2.41 6.37 -18.59
CA ALA A 123 -1.91 7.36 -17.64
C ALA A 123 -2.97 7.77 -16.66
N VAL A 124 -2.56 8.04 -15.44
CA VAL A 124 -3.54 8.29 -14.36
C VAL A 124 -2.88 9.03 -13.26
N ALA A 125 -3.61 9.87 -12.53
CA ALA A 125 -3.01 10.58 -11.40
C ALA A 125 -4.03 10.55 -10.28
N GLY A 126 -3.52 10.72 -9.08
CA GLY A 126 -4.36 10.89 -7.94
C GLY A 126 -3.60 11.54 -6.79
N VAL A 127 -4.30 11.75 -5.68
CA VAL A 127 -3.67 12.31 -4.49
C VAL A 127 -3.96 11.37 -3.31
N ALA A 128 -2.97 11.16 -2.45
CA ALA A 128 -3.11 10.34 -1.26
C ALA A 128 -2.29 10.98 -0.16
N ASN A 129 -2.93 11.34 0.96
CA ASN A 129 -2.21 11.99 2.05
C ASN A 129 -1.50 13.24 1.56
N LYS A 130 -2.18 14.03 0.72
CA LYS A 130 -1.61 15.26 0.12
C LYS A 130 -0.30 15.02 -0.69
N THR A 131 -0.15 13.79 -1.18
CA THR A 131 0.95 13.41 -2.02
C THR A 131 0.38 13.24 -3.39
N LEU A 132 0.90 13.99 -4.33
CA LEU A 132 0.42 13.87 -5.69
C LEU A 132 1.10 12.75 -6.39
N ILE A 133 0.30 11.86 -7.00
CA ILE A 133 0.84 10.68 -7.65
C ILE A 133 0.51 10.77 -9.13
N LEU A 134 1.56 10.73 -9.96
CA LEU A 134 1.41 10.87 -11.42
C LEU A 134 2.03 9.69 -12.13
N ALA A 135 1.22 8.90 -12.81
CA ALA A 135 1.71 7.69 -13.46
C ALA A 135 1.56 7.83 -14.96
N MSE A 136 2.70 7.72 -15.63
CA MSE A 136 2.76 7.94 -17.07
C MSE A 136 3.43 6.77 -17.77
O MSE A 136 4.01 5.89 -17.10
CB MSE A 136 3.47 9.27 -17.28
CG MSE A 136 4.93 9.20 -17.07
SE MSE A 136 5.70 10.99 -16.62
CE MSE A 136 5.15 11.06 -14.67
N PRO A 137 3.36 6.71 -19.11
CA PRO A 137 3.97 5.60 -19.84
C PRO A 137 5.47 5.50 -19.67
N GLY A 138 5.98 4.35 -20.07
CA GLY A 138 7.39 4.04 -19.97
C GLY A 138 8.24 4.75 -21.01
N SER A 139 7.66 5.18 -22.13
CA SER A 139 8.43 5.79 -23.24
C SER A 139 8.94 7.16 -22.83
N THR A 140 10.18 7.46 -23.19
CA THR A 140 10.75 8.74 -22.78
C THR A 140 10.00 9.88 -23.44
N LYS A 141 9.58 9.64 -24.68
CA LYS A 141 8.78 10.63 -25.39
C LYS A 141 7.54 11.01 -24.59
N ALA A 142 6.86 9.99 -24.05
CA ALA A 142 5.69 10.26 -23.25
C ALA A 142 6.03 11.06 -22.01
N CYS A 143 7.12 10.70 -21.34
CA CYS A 143 7.51 11.43 -20.15
C CYS A 143 7.79 12.89 -20.44
N ARG A 144 8.36 13.17 -21.61
CA ARG A 144 8.68 14.52 -22.00
C ARG A 144 7.38 15.31 -22.21
N THR A 145 6.41 14.71 -22.89
CA THR A 145 5.15 15.39 -23.12
C THR A 145 4.50 15.71 -21.80
N ALA A 146 4.48 14.71 -20.94
CA ALA A 146 3.85 14.92 -19.64
C ALA A 146 4.58 15.94 -18.79
N TRP A 147 5.88 15.85 -18.73
CA TRP A 147 6.68 16.76 -17.90
C TRP A 147 6.58 18.21 -18.41
N GLU A 148 6.87 18.39 -19.70
CA GLU A 148 7.00 19.75 -20.24
C GLU A 148 5.65 20.44 -20.26
N ASN A 149 4.61 19.70 -20.65
CA ASN A 149 3.32 20.32 -20.97
C ASN A 149 2.25 20.28 -19.89
N ILE A 150 2.47 19.45 -18.86
CA ILE A 150 1.48 19.27 -17.81
C ILE A 150 2.07 19.39 -16.42
N ILE A 151 3.12 18.63 -16.14
CA ILE A 151 3.57 18.53 -14.75
C ILE A 151 4.36 19.75 -14.32
N ALA A 152 5.40 20.08 -15.09
CA ALA A 152 6.23 21.21 -14.64
C ALA A 152 5.40 22.47 -14.41
N PRO A 153 4.50 22.79 -15.31
CA PRO A 153 3.64 23.97 -15.06
C PRO A 153 2.85 23.86 -13.77
N GLN A 154 2.27 22.71 -13.50
CA GLN A 154 1.45 22.56 -12.30
C GLN A 154 2.22 22.42 -11.00
N LEU A 155 3.53 22.14 -11.08
CA LEU A 155 4.38 22.13 -9.90
C LEU A 155 5.08 23.47 -9.70
N ASP A 156 4.89 24.44 -10.58
CA ASP A 156 5.41 25.80 -10.40
C ASP A 156 4.35 26.62 -9.64
N ALA A 157 4.69 27.02 -8.43
CA ALA A 157 3.79 27.76 -7.56
C ALA A 157 3.29 29.06 -8.17
N ARG A 158 3.99 29.54 -9.20
CA ARG A 158 3.58 30.78 -9.84
C ARG A 158 2.56 30.65 -10.95
N THR A 159 2.22 29.41 -11.35
CA THR A 159 1.39 29.23 -12.53
C THR A 159 -0.06 29.67 -12.27
N ARG A 160 -0.60 30.46 -13.20
CA ARG A 160 -1.94 31.01 -13.08
C ARG A 160 -2.88 30.29 -14.05
N PRO A 161 -4.16 30.23 -13.75
CA PRO A 161 -4.77 30.77 -12.52
C PRO A 161 -4.54 29.99 -11.23
N CYS A 162 -4.14 28.73 -11.29
CA CYS A 162 -3.88 27.99 -10.04
C CYS A 162 -3.03 26.78 -10.35
N ASN A 163 -2.51 26.20 -9.29
CA ASN A 163 -1.60 25.07 -9.45
C ASN A 163 -1.59 24.18 -8.21
N PHE A 164 -0.75 23.15 -8.15
CA PHE A 164 -0.78 22.23 -7.00
C PHE A 164 -0.22 22.81 -5.75
N HIS A 165 0.68 23.79 -5.89
CA HIS A 165 1.60 23.99 -4.79
C HIS A 165 0.90 24.13 -3.46
N PRO A 166 -0.06 25.04 -3.33
CA PRO A 166 -0.63 25.30 -1.99
C PRO A 166 -1.03 24.03 -1.17
N HIS A 167 -1.33 22.92 -1.83
CA HIS A 167 -2.06 21.80 -1.24
C HIS A 167 -1.23 20.56 -1.11
N LEU A 168 0.04 20.68 -1.48
CA LEU A 168 0.94 19.55 -1.30
C LEU A 168 1.31 19.44 0.18
N LYS A 169 1.59 18.20 0.55
CA LYS A 169 1.98 17.83 1.90
C LYS A 169 3.07 18.75 2.45
N LYS A 170 2.82 19.32 3.62
CA LYS A 170 3.79 20.24 4.21
C LYS A 170 4.80 19.41 4.98
N GLY A 171 6.06 19.83 4.95
CA GLY A 171 7.09 19.12 5.68
C GLY A 171 6.90 19.24 7.18
N SER A 172 7.51 18.33 7.93
CA SER A 172 7.66 18.55 9.38
N SER B 2 -7.76 -29.91 0.99
CA SER B 2 -6.88 -31.12 1.06
C SER B 2 -5.64 -30.96 1.94
N GLN B 3 -4.54 -31.60 1.52
CA GLN B 3 -3.17 -31.34 2.02
C GLN B 3 -3.05 -31.10 3.55
N VAL B 4 -2.81 -32.21 4.25
CA VAL B 4 -2.38 -32.22 5.65
C VAL B 4 -0.97 -32.81 5.95
N SER B 5 -0.19 -32.05 6.70
CA SER B 5 1.16 -32.43 7.13
C SER B 5 1.13 -33.31 8.36
N THR B 6 2.20 -34.07 8.56
CA THR B 6 2.29 -34.86 9.76
C THR B 6 2.97 -34.06 10.85
N GLU B 7 3.74 -33.06 10.45
CA GLU B 7 4.47 -32.31 11.43
C GLU B 7 4.00 -30.89 11.45
N PHE B 8 4.24 -30.23 12.56
CA PHE B 8 4.03 -28.81 12.63
C PHE B 8 5.02 -28.17 11.68
N ILE B 9 4.56 -27.16 10.93
CA ILE B 9 5.41 -26.33 10.08
C ILE B 9 5.26 -24.87 10.48
N PRO B 10 6.32 -24.29 11.00
CA PRO B 10 6.26 -22.87 11.42
C PRO B 10 5.96 -21.94 10.25
N THR B 11 5.08 -20.97 10.48
CA THR B 11 4.81 -19.85 9.57
C THR B 11 5.57 -18.61 10.02
N ARG B 12 5.84 -17.71 9.08
CA ARG B 12 6.48 -16.44 9.39
C ARG B 12 5.44 -15.33 9.48
N ILE B 13 5.32 -14.79 10.67
CA ILE B 13 4.26 -13.87 11.04
C ILE B 13 4.85 -12.50 11.37
N ALA B 14 4.19 -11.46 10.90
CA ALA B 14 4.40 -10.07 11.30
C ALA B 14 3.17 -9.59 12.07
N ILE B 15 3.39 -8.82 13.13
CA ILE B 15 2.33 -8.35 14.00
C ILE B 15 2.32 -6.84 14.00
N LEU B 16 1.15 -6.29 13.76
CA LEU B 16 0.90 -4.86 13.75
C LEU B 16 -0.10 -4.47 14.83
N THR B 17 0.21 -3.50 15.67
CA THR B 17 -0.75 -2.88 16.58
C THR B 17 -1.10 -1.51 16.05
N VAL B 18 -2.37 -1.23 15.96
CA VAL B 18 -2.87 0.07 15.50
C VAL B 18 -3.37 0.79 16.75
N SER B 19 -2.70 1.87 17.15
CA SER B 19 -3.02 2.60 18.37
C SER B 19 -2.36 3.97 18.38
N ASN B 20 -3.13 4.99 18.76
CA ASN B 20 -2.59 6.34 18.88
C ASN B 20 -1.70 6.50 20.12
N ARG B 21 -2.04 5.80 21.18
CA ARG B 21 -1.56 6.14 22.51
C ARG B 21 -0.55 5.13 23.05
N ARG B 22 -0.82 3.88 22.73
CA ARG B 22 -0.13 2.75 23.31
C ARG B 22 1.26 2.62 22.73
N GLY B 23 2.28 2.55 23.57
CA GLY B 23 3.58 2.17 23.08
C GLY B 23 3.79 0.70 23.39
N GLU B 24 4.99 0.20 23.21
CA GLU B 24 5.25 -1.22 23.46
C GLU B 24 4.84 -1.62 24.88
N GLU B 25 5.16 -0.81 25.90
CA GLU B 25 4.82 -1.18 27.26
C GLU B 25 3.32 -1.33 27.49
N ASP B 26 2.52 -0.66 26.68
CA ASP B 26 1.07 -0.63 26.84
C ASP B 26 0.40 -1.65 25.98
N ASP B 27 1.19 -2.32 25.14
CA ASP B 27 0.65 -3.08 24.01
C ASP B 27 0.31 -4.51 24.41
N THR B 28 -0.77 -4.66 25.18
CA THR B 28 -1.10 -5.99 25.69
C THR B 28 -1.50 -6.97 24.60
N SER B 29 -2.27 -6.49 23.64
CA SER B 29 -2.74 -7.37 22.59
C SER B 29 -1.65 -7.82 21.65
N GLY B 30 -0.76 -6.92 21.28
CA GLY B 30 0.35 -7.29 20.41
C GLY B 30 1.30 -8.25 21.09
N HIS B 31 1.53 -8.03 22.37
CA HIS B 31 2.33 -8.99 23.17
C HIS B 31 1.65 -10.33 23.24
N TYR B 32 0.33 -10.32 23.40
CA TYR B 32 -0.45 -11.56 23.46
C TYR B 32 -0.24 -12.34 22.15
N LEU B 33 -0.33 -11.64 21.03
CA LEU B 33 -0.27 -12.31 19.73
C LEU B 33 1.15 -12.81 19.50
N ARG B 34 2.12 -11.99 19.85
CA ARG B 34 3.53 -12.38 19.71
C ARG B 34 3.80 -13.63 20.53
N ASP B 35 3.46 -13.55 21.80
CA ASP B 35 3.70 -14.66 22.70
C ASP B 35 2.96 -15.92 22.28
N SER B 36 1.70 -15.81 21.85
CA SER B 36 0.93 -16.99 21.44
C SER B 36 1.51 -17.61 20.19
N ALA B 37 1.88 -16.77 19.24
CA ALA B 37 2.51 -17.27 18.01
C ALA B 37 3.81 -18.02 18.30
N GLN B 38 4.65 -17.43 19.14
CA GLN B 38 5.94 -18.04 19.50
C GLN B 38 5.75 -19.37 20.20
N GLU B 39 4.82 -19.41 21.16
CA GLU B 39 4.52 -20.58 21.98
C GLU B 39 4.03 -21.74 21.14
N ALA B 40 3.33 -21.41 20.05
CA ALA B 40 2.81 -22.39 19.14
C ALA B 40 3.89 -22.93 18.20
N GLY B 41 5.03 -22.25 18.13
CA GLY B 41 6.12 -22.67 17.25
C GLY B 41 6.34 -21.80 16.04
N HIS B 42 5.53 -20.75 15.85
CA HIS B 42 5.69 -19.92 14.68
C HIS B 42 6.83 -18.95 14.91
N HIS B 43 7.30 -18.35 13.84
CA HIS B 43 8.35 -17.32 13.93
C HIS B 43 7.74 -15.95 13.73
N VAL B 44 7.89 -15.07 14.71
CA VAL B 44 7.50 -13.70 14.56
C VAL B 44 8.68 -12.93 13.95
N VAL B 45 8.53 -12.55 12.68
CA VAL B 45 9.69 -12.00 11.96
C VAL B 45 9.71 -10.47 11.97
N ASP B 46 8.59 -9.84 12.35
CA ASP B 46 8.57 -8.39 12.47
C ASP B 46 7.34 -8.02 13.31
N LYS B 47 7.44 -6.82 13.87
CA LYS B 47 6.42 -6.26 14.73
C LYS B 47 6.55 -4.73 14.67
N ALA B 48 5.42 -4.05 14.61
CA ALA B 48 5.38 -2.62 14.57
C ALA B 48 4.12 -2.13 15.25
N ILE B 49 4.17 -0.89 15.71
CA ILE B 49 3.03 -0.15 16.24
C ILE B 49 2.88 1.12 15.41
N VAL B 50 1.68 1.35 14.89
CA VAL B 50 1.36 2.54 14.11
C VAL B 50 0.15 3.26 14.70
N LYS B 51 0.04 4.56 14.43
CA LYS B 51 -1.11 5.33 14.86
C LYS B 51 -2.26 4.92 13.95
N GLU B 52 -3.42 5.48 14.29
CA GLU B 52 -4.69 5.15 13.62
C GLU B 52 -4.73 6.06 12.39
N ASN B 53 -3.98 5.64 11.40
CA ASN B 53 -3.69 6.47 10.27
C ASN B 53 -3.67 5.46 9.10
N ARG B 54 -4.54 5.65 8.11
CA ARG B 54 -4.61 4.66 7.01
C ARG B 54 -3.30 4.57 6.25
N TYR B 55 -2.55 5.64 6.15
CA TYR B 55 -1.37 5.66 5.31
C TYR B 55 -0.25 4.91 6.02
N ALA B 56 -0.15 5.06 7.34
CA ALA B 56 0.88 4.36 8.10
C ALA B 56 0.57 2.87 8.05
N ILE B 57 -0.68 2.50 8.14
CA ILE B 57 -1.07 1.10 8.07
C ILE B 57 -0.74 0.54 6.70
N ARG B 58 -1.10 1.27 5.65
CA ARG B 58 -0.78 0.80 4.29
C ARG B 58 0.68 0.68 4.00
N ALA B 59 1.51 1.60 4.49
CA ALA B 59 2.92 1.57 4.25
C ALA B 59 3.50 0.28 4.87
N GLN B 60 3.15 0.03 6.13
CA GLN B 60 3.77 -1.13 6.80
C GLN B 60 3.25 -2.44 6.22
N VAL B 61 1.97 -2.52 6.01
CA VAL B 61 1.35 -3.79 5.57
C VAL B 61 1.77 -4.04 4.13
N SER B 62 1.85 -2.97 3.31
CA SER B 62 2.37 -3.14 1.91
C SER B 62 3.78 -3.66 1.86
N ALA B 63 4.65 -3.21 2.77
CA ALA B 63 6.03 -3.71 2.83
C ALA B 63 6.00 -5.21 3.10
N TRP B 64 5.18 -5.63 4.06
CA TRP B 64 5.11 -7.05 4.42
C TRP B 64 4.51 -7.87 3.30
N ILE B 65 3.49 -7.37 2.62
CA ILE B 65 2.88 -8.08 1.47
C ILE B 65 3.92 -8.37 0.38
N ALA B 66 4.74 -7.36 0.10
CA ALA B 66 5.75 -7.48 -0.95
C ALA B 66 7.01 -8.23 -0.54
N SER B 67 7.18 -8.41 0.77
CA SER B 67 8.40 -9.06 1.27
C SER B 67 8.55 -10.46 0.78
N ASP B 68 9.79 -10.93 0.79
CA ASP B 68 9.99 -12.35 0.49
C ASP B 68 9.57 -13.28 1.64
N ASP B 69 9.60 -12.82 2.89
CA ASP B 69 9.51 -13.67 4.06
C ASP B 69 8.20 -13.73 4.84
N VAL B 70 7.44 -12.64 4.81
CA VAL B 70 6.23 -12.56 5.64
C VAL B 70 5.10 -13.32 5.00
N GLN B 71 4.59 -14.36 5.68
CA GLN B 71 3.48 -15.13 5.16
C GLN B 71 2.13 -14.75 5.76
N VAL B 72 2.16 -14.22 6.98
CA VAL B 72 0.95 -13.89 7.74
C VAL B 72 1.16 -12.56 8.46
N VAL B 73 0.19 -11.67 8.35
CA VAL B 73 0.10 -10.40 9.11
C VAL B 73 -1.10 -10.44 10.02
N LEU B 74 -0.82 -10.28 11.32
CA LEU B 74 -1.84 -10.20 12.36
C LEU B 74 -1.92 -8.74 12.75
N ILE B 75 -3.11 -8.15 12.69
CA ILE B 75 -3.29 -6.75 13.06
C ILE B 75 -4.29 -6.68 14.21
N THR B 76 -4.00 -5.88 15.21
CA THR B 76 -4.97 -5.68 16.28
C THR B 76 -5.16 -4.17 16.45
N GLY B 77 -6.43 -3.76 16.51
CA GLY B 77 -6.79 -2.38 16.66
C GLY B 77 -7.36 -1.74 15.40
N GLY B 78 -8.17 -0.71 15.63
CA GLY B 78 -8.61 0.16 14.57
C GLY B 78 -9.77 -0.34 13.73
N THR B 79 -10.49 -1.29 14.30
CA THR B 79 -11.65 -1.89 13.59
C THR B 79 -12.95 -1.38 14.06
N GLY B 80 -12.98 -0.43 14.97
CA GLY B 80 -14.22 0.18 15.45
C GLY B 80 -14.98 1.09 14.49
N LEU B 81 -16.03 1.78 15.01
CA LEU B 81 -17.02 2.42 14.16
C LEU B 81 -16.98 3.93 14.12
N THR B 82 -15.93 4.45 14.71
CA THR B 82 -15.71 5.89 14.63
C THR B 82 -14.72 6.30 13.54
N GLU B 83 -14.67 7.63 13.39
CA GLU B 83 -13.93 8.28 12.34
C GLU B 83 -12.47 7.91 12.43
N GLY B 84 -11.96 7.74 13.65
CA GLY B 84 -10.55 7.41 13.83
C GLY B 84 -10.08 5.98 13.58
N ASP B 85 -11.03 5.04 13.52
CA ASP B 85 -10.70 3.65 13.30
C ASP B 85 -10.56 3.38 11.82
N GLN B 86 -9.37 3.07 11.36
CA GLN B 86 -9.14 3.03 9.94
C GLN B 86 -8.59 1.72 9.42
N ALA B 87 -8.52 0.66 10.23
CA ALA B 87 -7.87 -0.53 9.76
C ALA B 87 -8.58 -1.16 8.56
N PRO B 88 -9.90 -1.36 8.60
CA PRO B 88 -10.57 -1.97 7.42
C PRO B 88 -10.44 -1.11 6.18
N GLU B 89 -10.54 0.21 6.36
CA GLU B 89 -10.46 1.12 5.24
C GLU B 89 -9.05 1.08 4.67
N ALA B 90 -8.08 0.95 5.56
CA ALA B 90 -6.71 0.88 5.06
C ALA B 90 -6.45 -0.36 4.24
N LEU B 91 -6.97 -1.50 4.72
CA LEU B 91 -6.58 -2.82 4.30
C LEU B 91 -7.38 -3.36 3.12
N LEU B 92 -8.71 -3.19 3.13
CA LEU B 92 -9.52 -3.81 2.09
C LEU B 92 -9.00 -3.52 0.65
N PRO B 93 -8.56 -2.30 0.35
CA PRO B 93 -8.03 -2.03 -1.00
C PRO B 93 -6.75 -2.79 -1.36
N LEU B 94 -6.08 -3.33 -0.38
CA LEU B 94 -4.86 -4.02 -0.64
C LEU B 94 -5.09 -5.50 -0.92
N PHE B 95 -6.33 -5.99 -0.70
CA PHE B 95 -6.50 -7.46 -0.81
C PHE B 95 -6.65 -7.92 -2.25
N ASP B 96 -6.06 -9.06 -2.57
CA ASP B 96 -6.41 -9.81 -3.79
C ASP B 96 -7.82 -10.38 -3.67
N ARG B 97 -8.10 -10.96 -2.49
CA ARG B 97 -9.35 -11.62 -2.16
C ARG B 97 -9.62 -11.45 -0.67
N GLU B 98 -10.89 -11.39 -0.32
CA GLU B 98 -11.32 -11.40 1.06
C GLU B 98 -11.53 -12.80 1.58
N VAL B 99 -11.24 -13.02 2.86
CA VAL B 99 -11.43 -14.32 3.52
C VAL B 99 -12.66 -14.11 4.44
N GLU B 100 -13.85 -14.16 3.86
CA GLU B 100 -15.12 -13.79 4.52
C GLU B 100 -15.38 -14.61 5.81
N GLY B 101 -14.90 -15.84 5.83
CA GLY B 101 -15.13 -16.71 6.97
C GLY B 101 -14.47 -16.24 8.24
N PHE B 102 -13.36 -15.51 8.19
CA PHE B 102 -12.76 -15.03 9.40
C PHE B 102 -13.69 -14.08 10.19
N GLY B 103 -14.12 -13.01 9.56
CA GLY B 103 -15.00 -12.05 10.24
C GLY B 103 -16.25 -12.71 10.74
N GLU B 104 -16.82 -13.57 9.91
CA GLU B 104 -18.07 -14.21 10.25
C GLU B 104 -17.99 -15.15 11.42
N VAL B 105 -16.99 -16.01 11.43
CA VAL B 105 -16.79 -16.93 12.56
C VAL B 105 -16.42 -16.10 13.81
N PHE B 106 -15.57 -15.11 13.64
CA PHE B 106 -15.19 -14.30 14.78
C PHE B 106 -16.46 -13.62 15.42
N ARG B 107 -17.31 -13.07 14.58
CA ARG B 107 -18.50 -12.38 15.08
C ARG B 107 -19.39 -13.39 15.78
N MSE B 108 -19.54 -14.62 15.25
CA MSE B 108 -20.33 -15.67 15.89
C MSE B 108 -19.80 -15.91 17.34
O MSE B 108 -20.57 -15.95 18.29
CB MSE B 108 -20.30 -16.98 15.11
CB MSE B 108 -20.27 -17.06 15.18
CG MSE B 108 -21.20 -18.01 15.67
CG MSE B 108 -20.94 -17.24 13.79
SE MSE B 108 -21.50 -19.37 14.32
SE MSE B 108 -20.47 -19.01 12.84
CE MSE B 108 -19.76 -19.73 13.68
CE MSE B 108 -20.44 -18.40 11.43
N LEU B 109 -18.48 -16.11 17.46
CA LEU B 109 -17.85 -16.42 18.73
C LEU B 109 -17.98 -15.22 19.65
N SER B 110 -17.80 -14.05 19.07
CA SER B 110 -17.85 -12.81 19.90
C SER B 110 -19.22 -12.53 20.40
N PHE B 111 -20.26 -12.78 19.61
CA PHE B 111 -21.61 -12.51 20.08
C PHE B 111 -21.92 -13.38 21.31
N GLU B 112 -21.48 -14.64 21.27
CA GLU B 112 -21.64 -15.54 22.40
C GLU B 112 -20.91 -15.07 23.66
N GLU B 113 -19.70 -14.53 23.49
CA GLU B 113 -18.82 -14.10 24.58
C GLU B 113 -19.19 -12.73 25.19
N ILE B 114 -19.45 -11.73 24.36
CA ILE B 114 -19.64 -10.36 24.83
C ILE B 114 -20.97 -9.79 24.41
N GLY B 115 -21.79 -10.57 23.71
CA GLY B 115 -23.10 -10.05 23.37
C GLY B 115 -23.11 -9.02 22.22
N THR B 116 -24.08 -8.11 22.31
CA THR B 116 -24.33 -7.18 21.22
C THR B 116 -23.19 -6.19 20.99
N SER B 117 -22.32 -6.08 21.98
CA SER B 117 -21.09 -5.30 21.79
C SER B 117 -20.26 -5.71 20.63
N THR B 118 -20.40 -6.96 20.16
CA THR B 118 -19.81 -7.41 18.95
C THR B 118 -20.01 -6.43 17.75
N LEU B 119 -21.12 -5.76 17.72
CA LEU B 119 -21.40 -4.84 16.59
C LEU B 119 -20.35 -3.70 16.53
N GLN B 120 -19.60 -3.45 17.63
CA GLN B 120 -18.75 -2.26 17.68
C GLN B 120 -17.41 -2.50 16.99
N SER B 121 -17.22 -3.69 16.46
CA SER B 121 -16.00 -4.04 15.74
C SER B 121 -16.23 -4.63 14.35
N ARG B 122 -15.23 -4.48 13.48
CA ARG B 122 -15.29 -4.86 12.05
C ARG B 122 -14.12 -5.74 11.65
N ALA B 123 -13.87 -6.84 12.37
CA ALA B 123 -12.83 -7.82 12.01
C ALA B 123 -12.93 -8.27 10.57
N VAL B 124 -11.79 -8.41 9.95
CA VAL B 124 -11.76 -8.74 8.51
C VAL B 124 -10.43 -9.41 8.12
N ALA B 125 -10.44 -10.27 7.10
CA ALA B 125 -9.23 -10.89 6.63
C ALA B 125 -9.23 -10.92 5.12
N GLY B 126 -8.04 -11.03 4.58
CA GLY B 126 -7.83 -11.14 3.14
C GLY B 126 -6.51 -11.75 2.82
N VAL B 127 -6.21 -11.95 1.54
CA VAL B 127 -4.90 -12.44 1.11
C VAL B 127 -4.45 -11.43 0.05
N ALA B 128 -3.17 -11.14 0.07
CA ALA B 128 -2.49 -10.31 -0.94
C ALA B 128 -1.11 -10.87 -1.22
N ASN B 129 -0.82 -11.22 -2.46
CA ASN B 129 0.45 -11.81 -2.81
C ASN B 129 0.76 -13.01 -1.93
N LYS B 130 -0.25 -13.87 -1.74
CA LYS B 130 -0.08 -15.07 -0.91
C LYS B 130 0.30 -14.80 0.52
N THR B 131 -0.02 -13.60 0.98
CA THR B 131 0.19 -13.15 2.35
C THR B 131 -1.17 -13.06 3.01
N LEU B 132 -1.41 -13.82 4.06
CA LEU B 132 -2.67 -13.79 4.77
C LEU B 132 -2.66 -12.62 5.73
N ILE B 133 -3.72 -11.80 5.67
CA ILE B 133 -3.87 -10.61 6.52
C ILE B 133 -5.11 -10.76 7.37
N LEU B 134 -4.92 -10.73 8.66
CA LEU B 134 -6.02 -10.95 9.63
C LEU B 134 -6.08 -9.75 10.53
N ALA B 135 -7.18 -9.00 10.47
CA ALA B 135 -7.35 -7.80 11.30
C ALA B 135 -8.47 -7.98 12.32
N MSE B 136 -8.10 -7.80 13.57
CA MSE B 136 -9.02 -8.07 14.65
C MSE B 136 -9.06 -6.86 15.60
O MSE B 136 -8.27 -5.92 15.50
CB MSE B 136 -8.60 -9.36 15.34
CG MSE B 136 -7.39 -9.26 16.15
SE MSE B 136 -6.41 -11.04 16.29
CE MSE B 136 -5.49 -11.03 14.52
N PRO B 137 -10.02 -6.85 16.52
CA PRO B 137 -10.15 -5.72 17.43
C PRO B 137 -8.97 -5.54 18.35
N GLY B 138 -8.91 -4.36 18.93
CA GLY B 138 -7.83 -4.00 19.85
C GLY B 138 -7.92 -4.72 21.18
N SER B 139 -9.08 -5.19 21.60
CA SER B 139 -9.11 -5.82 22.91
C SER B 139 -8.34 -7.14 23.00
N THR B 140 -7.69 -7.40 24.12
CA THR B 140 -6.93 -8.66 24.25
C THR B 140 -7.86 -9.87 24.27
N LYS B 141 -9.01 -9.73 24.89
CA LYS B 141 -10.01 -10.78 24.90
C LYS B 141 -10.37 -11.17 23.47
N ALA B 142 -10.61 -10.18 22.62
CA ALA B 142 -10.94 -10.47 21.20
C ALA B 142 -9.76 -11.17 20.55
N CYS B 143 -8.53 -10.74 20.76
CA CYS B 143 -7.38 -11.43 20.17
C CYS B 143 -7.27 -12.89 20.62
N ARG B 144 -7.56 -13.15 21.89
CA ARG B 144 -7.55 -14.53 22.41
C ARG B 144 -8.61 -15.40 21.74
N THR B 145 -9.83 -14.89 21.60
CA THR B 145 -10.88 -15.60 20.97
C THR B 145 -10.50 -15.90 19.52
N ALA B 146 -9.96 -14.91 18.79
CA ALA B 146 -9.56 -15.12 17.39
C ALA B 146 -8.43 -16.10 17.29
N TRP B 147 -7.39 -15.92 18.09
CA TRP B 147 -6.20 -16.79 18.00
C TRP B 147 -6.55 -18.22 18.35
N GLU B 148 -7.18 -18.44 19.50
CA GLU B 148 -7.38 -19.82 19.98
C GLU B 148 -8.33 -20.60 19.09
N ASN B 149 -9.41 -19.96 18.63
CA ASN B 149 -10.49 -20.66 18.01
C ASN B 149 -10.49 -20.60 16.49
N ILE B 150 -9.72 -19.70 15.90
CA ILE B 150 -9.72 -19.49 14.45
C ILE B 150 -8.36 -19.55 13.81
N ILE B 151 -7.48 -18.71 14.32
CA ILE B 151 -6.23 -18.48 13.63
C ILE B 151 -5.25 -19.60 13.88
N ALA B 152 -5.00 -20.00 15.12
CA ALA B 152 -3.99 -21.03 15.36
C ALA B 152 -4.29 -22.31 14.60
N PRO B 153 -5.50 -22.82 14.65
CA PRO B 153 -5.78 -24.02 13.88
C PRO B 153 -5.53 -23.86 12.37
N GLN B 154 -5.94 -22.72 11.80
CA GLN B 154 -5.74 -22.55 10.37
C GLN B 154 -4.31 -22.31 9.92
N LEU B 155 -3.45 -21.94 10.87
CA LEU B 155 -2.03 -21.81 10.60
C LEU B 155 -1.22 -23.09 10.89
N ASP B 156 -1.90 -24.13 11.36
CA ASP B 156 -1.26 -25.41 11.68
C ASP B 156 -1.43 -26.34 10.48
N ALA B 157 -0.32 -26.65 9.86
CA ALA B 157 -0.31 -27.54 8.71
C ALA B 157 -0.96 -28.90 8.94
N ARG B 158 -1.14 -29.30 10.22
CA ARG B 158 -1.71 -30.59 10.56
C ARG B 158 -3.24 -30.55 10.57
N THR B 159 -3.83 -29.38 10.52
CA THR B 159 -5.26 -29.26 10.72
C THR B 159 -6.10 -29.82 9.54
N ARG B 160 -7.01 -30.75 9.84
CA ARG B 160 -7.86 -31.39 8.86
C ARG B 160 -9.22 -30.72 8.92
N PRO B 161 -9.95 -30.74 7.81
CA PRO B 161 -9.50 -31.25 6.52
C PRO B 161 -8.52 -30.41 5.72
N CYS B 162 -8.46 -29.13 5.97
CA CYS B 162 -7.54 -28.25 5.27
C CYS B 162 -7.20 -27.02 6.05
N ASN B 163 -6.11 -26.38 5.65
CA ASN B 163 -5.65 -25.18 6.30
C ASN B 163 -4.84 -24.27 5.34
N PHE B 164 -4.24 -23.21 5.83
CA PHE B 164 -3.56 -22.25 4.94
C PHE B 164 -2.20 -22.68 4.46
N HIS B 165 -1.60 -23.66 5.12
CA HIS B 165 -0.22 -23.88 4.85
C HIS B 165 0.07 -24.04 3.37
N PRO B 166 -0.58 -24.95 2.66
CA PRO B 166 -0.11 -25.18 1.30
C PRO B 166 0.02 -23.87 0.49
N HIS B 167 -0.76 -22.84 0.80
CA HIS B 167 -0.94 -21.71 -0.07
C HIS B 167 -0.28 -20.43 0.41
N LEU B 168 0.42 -20.44 1.53
CA LEU B 168 1.11 -19.23 1.93
C LEU B 168 2.40 -19.04 1.09
N LYS B 169 2.81 -17.79 0.98
CA LYS B 169 3.99 -17.33 0.25
C LYS B 169 5.20 -18.16 0.59
N LYS B 170 5.82 -18.73 -0.44
CA LYS B 170 6.96 -19.59 -0.26
C LYS B 170 8.16 -18.70 -0.07
N GLY B 171 9.03 -19.07 0.84
CA GLY B 171 10.29 -18.37 0.97
C GLY B 171 11.20 -18.47 -0.26
N SER B 172 12.13 -17.52 -0.33
CA SER B 172 13.15 -17.52 -1.38
C SER B 172 14.47 -17.96 -0.75
S SO4 C . 3.42 1.74 -20.80
O1 SO4 C . 3.25 0.28 -20.61
O2 SO4 C . 4.77 2.03 -21.25
O3 SO4 C . 3.11 2.59 -19.69
O4 SO4 C . 2.50 2.11 -21.89
S SO4 D . 10.04 -3.98 -19.55
O1 SO4 D . 9.43 -4.83 -20.56
O2 SO4 D . 11.24 -4.64 -19.05
O3 SO4 D . 9.09 -3.82 -18.44
O4 SO4 D . 10.37 -2.65 -20.07
S SO4 E . 7.60 22.79 3.57
O1 SO4 E . 7.02 24.10 3.85
O2 SO4 E . 8.09 22.23 4.84
O3 SO4 E . 8.78 22.91 2.69
O4 SO4 E . 6.61 21.92 2.95
S SO4 F . 0.13 19.10 5.37
O1 SO4 F . -1.15 19.63 5.84
O2 SO4 F . 0.18 17.66 5.65
O3 SO4 F . 1.14 19.78 6.21
O4 SO4 F . 0.26 19.40 3.96
C ACY G . 11.76 9.51 1.48
O ACY G . 12.46 10.43 0.95
OXT ACY G . 10.87 9.62 2.38
CH3 ACY G . 12.08 8.15 0.95
S SO4 H . -11.42 -1.93 17.80
O1 SO4 H . -10.77 -2.07 19.09
O2 SO4 H . -10.73 -2.62 16.77
O3 SO4 H . -11.50 -0.51 17.49
O4 SO4 H . -12.84 -2.39 17.79
S SO4 I . -5.94 4.24 20.97
O1 SO4 I . -5.62 2.83 21.22
O2 SO4 I . -6.07 4.43 19.53
O3 SO4 I . -4.93 5.17 21.47
O4 SO4 I . -7.20 4.53 21.64
S SO4 J . 9.33 -21.98 2.95
O1 SO4 J . 9.14 -23.34 2.46
O2 SO4 J . 10.40 -21.40 2.15
O3 SO4 J . 9.72 -22.00 4.37
O4 SO4 J . 8.11 -21.18 2.83
C ACY K . 10.12 -8.29 6.98
O ACY K . 10.28 -9.18 7.86
OXT ACY K . 10.07 -8.48 5.74
CH3 ACY K . 9.96 -6.91 7.49
C ACY L . 10.85 -16.46 16.47
O ACY L . 9.93 -15.69 16.92
OXT ACY L . 11.08 -17.65 16.85
CH3 ACY L . 11.70 -15.89 15.38
#